data_3FPG
#
_entry.id   3FPG
#
_cell.length_a   63.696
_cell.length_b   67.498
_cell.length_c   147.652
_cell.angle_alpha   90.000
_cell.angle_beta   90.000
_cell.angle_gamma   90.000
#
_symmetry.space_group_name_H-M   'P 21 21 21'
#
loop_
_entity.id
_entity.type
_entity.pdbx_description
1 polymer 'Putative uncharacterized protein'
2 non-polymer 'BROMIDE ION'
3 non-polymer 2-[3-(2-HYDROXY-1,1-DIHYDROXYMETHYL-ETHYLAMINO)-PROPYLAMINO]-2-HYDROXYMETHYL-PROPANE-1,3-DIOL
4 water water
#
_entity_poly.entity_id   1
_entity_poly.type   'polypeptide(L)'
_entity_poly.pdbx_seq_one_letter_code
;MSCYIYWDKIKRIASRLEGMNYHFDEMDTSGVMPLLDEIEEIAHDSTIDFESAKHILDDAEMNHALSLIRKFYVNLGMKL
QMEKAQEVIESDSPWETLRSFYFYPRYLELLKNEAALGRFRRGERAVFIGGGPLPLTGILLSHVYGMRVNVVEIEPDIAE
LSRKVIEGLGVDGVNVITGDETVIDGLEFDVLMVAALAEPKRRVFRNIHRYVDTETRIIYRTYTGMRAILYAPVSDDDIT
GFRRAGVVLPSGKVNNTSVLVFKCPDKGELNSKLEGKPIPNPLLGLDSTRTGHHHHHH
;
_entity_poly.pdbx_strand_id   A,B
#
loop_
_chem_comp.id
_chem_comp.type
_chem_comp.name
_chem_comp.formula
B3P non-polymer 2-[3-(2-HYDROXY-1,1-DIHYDROXYMETHYL-ETHYLAMINO)-PROPYLAMINO]-2-HYDROXYMETHYL-PROPANE-1,3-DIOL 'C11 H26 N2 O6'
BR non-polymer 'BROMIDE ION' 'Br -1'
#
# COMPACT_ATOMS: atom_id res chain seq x y z
N SER A 2 -20.11 -3.01 0.24
CA SER A 2 -19.30 -4.09 0.87
C SER A 2 -19.83 -4.76 2.17
N CYS A 3 -19.25 -5.90 2.49
CA CYS A 3 -19.73 -6.79 3.51
C CYS A 3 -18.56 -7.48 4.24
N TYR A 4 -17.53 -6.73 4.64
CA TYR A 4 -16.37 -7.37 5.32
C TYR A 4 -16.75 -7.79 6.72
N ILE A 5 -16.36 -8.99 7.13
CA ILE A 5 -16.69 -9.50 8.47
C ILE A 5 -16.10 -8.62 9.61
N TYR A 6 -14.94 -8.04 9.34
CA TYR A 6 -14.26 -7.09 10.21
C TYR A 6 -15.10 -5.86 10.54
N TRP A 7 -16.03 -5.50 9.68
CA TRP A 7 -16.81 -4.30 9.87
C TRP A 7 -17.63 -4.42 11.13
N ASP A 8 -18.36 -5.53 11.19
CA ASP A 8 -19.22 -5.85 12.31
C ASP A 8 -18.37 -6.11 13.55
N LYS A 9 -17.24 -6.80 13.41
CA LYS A 9 -16.38 -7.08 14.55
C LYS A 9 -15.87 -5.76 15.20
N ILE A 10 -15.40 -4.82 14.38
CA ILE A 10 -15.01 -3.51 14.87
C ILE A 10 -16.15 -2.74 15.54
N LYS A 11 -17.31 -2.72 14.89
CA LYS A 11 -18.45 -2.09 15.56
C LYS A 11 -18.76 -2.77 16.89
N ARG A 12 -18.64 -4.10 16.97
CA ARG A 12 -18.92 -4.77 18.26
C ARG A 12 -17.96 -4.40 19.39
N ILE A 13 -16.67 -4.44 19.08
CA ILE A 13 -15.65 -4.00 20.00
C ILE A 13 -15.89 -2.59 20.43
N ALA A 14 -16.27 -1.70 19.50
CA ALA A 14 -16.53 -0.28 19.84
C ALA A 14 -17.70 -0.11 20.78
N SER A 15 -18.73 -0.94 20.61
CA SER A 15 -19.88 -0.92 21.48
C SER A 15 -19.49 -1.18 22.95
N ARG A 16 -18.47 -1.99 23.15
CA ARG A 16 -18.00 -2.26 24.48
C ARG A 16 -17.02 -1.23 25.02
N LEU A 17 -16.64 -0.27 24.17
CA LEU A 17 -15.79 0.88 24.56
C LEU A 17 -16.59 2.14 24.86
N GLU A 18 -17.82 2.17 24.36
CA GLU A 18 -18.63 3.35 24.40
C GLU A 18 -18.78 3.88 25.84
N GLY A 19 -19.05 2.96 26.75
CA GLY A 19 -19.28 3.32 28.14
C GLY A 19 -18.03 3.76 28.88
N MET A 20 -16.86 3.66 28.25
CA MET A 20 -15.62 4.31 28.77
C MET A 20 -15.33 5.72 28.19
N ASN A 21 -16.21 6.19 27.30
CA ASN A 21 -15.91 7.41 26.53
C ASN A 21 -15.66 8.66 27.36
N TYR A 22 -14.61 9.40 27.00
CA TYR A 22 -14.20 10.60 27.73
C TYR A 22 -13.60 10.32 29.11
N HIS A 23 -13.55 9.04 29.53
CA HIS A 23 -12.83 8.69 30.77
C HIS A 23 -11.93 7.46 30.65
N PHE A 24 -11.30 7.32 29.49
CA PHE A 24 -10.48 6.15 29.28
C PHE A 24 -9.26 6.14 30.14
N ASP A 25 -8.79 7.31 30.58
CA ASP A 25 -7.56 7.42 31.40
C ASP A 25 -7.77 6.71 32.72
N GLU A 26 -9.04 6.46 33.04
CA GLU A 26 -9.42 5.78 34.29
C GLU A 26 -9.46 4.24 34.19
N MET A 27 -9.03 3.71 33.03
CA MET A 27 -8.95 2.26 32.71
C MET A 27 -8.14 1.42 33.70
N ASP A 28 -8.62 0.22 34.00
CA ASP A 28 -7.80 -0.76 34.74
C ASP A 28 -6.92 -1.46 33.72
N THR A 29 -5.60 -1.25 33.85
CA THR A 29 -4.64 -1.70 32.86
C THR A 29 -4.61 -3.24 32.66
N SER A 30 -4.54 -3.98 33.76
CA SER A 30 -4.55 -5.40 33.65
C SER A 30 -5.87 -5.97 33.04
N GLY A 31 -7.00 -5.44 33.50
CA GLY A 31 -8.32 -5.94 33.10
C GLY A 31 -8.76 -5.63 31.68
N VAL A 32 -8.13 -4.62 31.06
CA VAL A 32 -8.44 -4.29 29.67
C VAL A 32 -7.51 -4.96 28.61
N MET A 33 -6.55 -5.78 29.00
CA MET A 33 -5.64 -6.41 28.02
C MET A 33 -6.29 -7.35 26.99
N PRO A 34 -7.31 -8.14 27.41
CA PRO A 34 -8.08 -8.90 26.44
C PRO A 34 -8.72 -8.04 25.35
N LEU A 35 -9.13 -6.83 25.71
CA LEU A 35 -9.71 -5.87 24.77
C LEU A 35 -8.66 -5.42 23.77
N LEU A 36 -7.46 -5.16 24.23
CA LEU A 36 -6.39 -4.87 23.28
C LEU A 36 -6.09 -6.06 22.38
N ASP A 37 -6.10 -7.27 22.93
CA ASP A 37 -5.88 -8.47 22.11
C ASP A 37 -6.91 -8.58 20.98
N GLU A 38 -8.15 -8.27 21.30
CA GLU A 38 -9.26 -8.29 20.35
C GLU A 38 -9.01 -7.31 19.21
N ILE A 39 -8.59 -6.09 19.53
CA ILE A 39 -8.36 -5.09 18.51
C ILE A 39 -7.13 -5.48 17.72
N GLU A 40 -6.11 -5.95 18.41
CA GLU A 40 -4.89 -6.41 17.74
C GLU A 40 -5.05 -7.59 16.79
N GLU A 41 -5.93 -8.56 17.12
CA GLU A 41 -6.28 -9.67 16.23
C GLU A 41 -6.71 -9.15 14.86
N ILE A 42 -7.48 -8.06 14.88
CA ILE A 42 -7.90 -7.39 13.69
C ILE A 42 -6.76 -6.57 13.06
N ALA A 43 -6.10 -5.67 13.79
CA ALA A 43 -4.98 -4.87 13.23
C ALA A 43 -3.93 -5.77 12.53
N HIS A 44 -3.63 -6.91 13.13
CA HIS A 44 -2.50 -7.76 12.66
C HIS A 44 -2.87 -8.84 11.64
N ASP A 45 -4.10 -8.85 11.18
CA ASP A 45 -4.58 -9.85 10.23
C ASP A 45 -3.99 -9.61 8.82
N SER A 46 -3.06 -10.47 8.40
CA SER A 46 -2.29 -10.25 7.16
C SER A 46 -3.09 -10.51 5.92
N THR A 47 -4.19 -11.21 6.08
CA THR A 47 -5.08 -11.41 4.93
C THR A 47 -5.88 -10.20 4.55
N ILE A 48 -5.80 -9.12 5.33
CA ILE A 48 -6.58 -7.97 4.89
C ILE A 48 -5.70 -6.98 4.15
N ASP A 49 -6.05 -6.68 2.89
CA ASP A 49 -5.16 -5.87 2.04
C ASP A 49 -5.30 -4.40 2.34
N PHE A 50 -4.37 -3.58 1.88
CA PHE A 50 -4.39 -2.16 2.27
C PHE A 50 -5.63 -1.44 1.75
N GLU A 51 -6.10 -1.81 0.57
CA GLU A 51 -7.34 -1.24 0.01
C GLU A 51 -8.58 -1.59 0.83
N SER A 52 -8.73 -2.84 1.25
CA SER A 52 -9.80 -3.20 2.18
C SER A 52 -9.73 -2.47 3.51
N ALA A 53 -8.52 -2.41 4.11
CA ALA A 53 -8.36 -1.68 5.36
C ALA A 53 -8.87 -0.23 5.21
N LYS A 54 -8.45 0.41 4.13
CA LYS A 54 -8.86 1.76 3.82
C LYS A 54 -10.36 1.93 3.60
N HIS A 55 -10.95 1.00 2.87
CA HIS A 55 -12.43 0.97 2.73
C HIS A 55 -13.06 1.09 4.12
N ILE A 56 -12.53 0.37 5.11
CA ILE A 56 -13.13 0.34 6.47
C ILE A 56 -12.91 1.59 7.30
N LEU A 57 -11.65 2.02 7.38
CA LEU A 57 -11.31 3.17 8.20
C LEU A 57 -11.78 4.51 7.61
N ASP A 58 -11.87 4.57 6.29
CA ASP A 58 -12.32 5.77 5.61
C ASP A 58 -13.83 5.94 5.51
N ASP A 59 -14.59 4.94 5.89
CA ASP A 59 -16.05 5.05 5.78
C ASP A 59 -16.64 5.94 6.88
N ALA A 60 -17.57 6.81 6.51
CA ALA A 60 -18.18 7.75 7.48
C ALA A 60 -18.83 7.04 8.64
N GLU A 61 -19.44 5.89 8.38
CA GLU A 61 -20.20 5.09 9.35
C GLU A 61 -19.29 4.51 10.45
N MET A 62 -17.99 4.51 10.21
CA MET A 62 -16.99 3.90 11.13
C MET A 62 -16.36 4.95 12.02
N ASN A 63 -16.70 6.22 11.82
CA ASN A 63 -15.96 7.30 12.46
C ASN A 63 -16.00 7.32 14.00
N HIS A 64 -17.18 7.18 14.57
CA HIS A 64 -17.29 7.12 16.04
C HIS A 64 -16.62 5.86 16.68
N ALA A 65 -16.76 4.69 16.07
CA ALA A 65 -16.10 3.44 16.56
C ALA A 65 -14.59 3.54 16.44
N LEU A 66 -14.13 4.11 15.34
CA LEU A 66 -12.72 4.42 15.20
C LEU A 66 -12.18 5.39 16.26
N SER A 67 -12.92 6.44 16.61
CA SER A 67 -12.40 7.31 17.67
C SER A 67 -12.39 6.59 19.04
N LEU A 68 -13.35 5.71 19.26
CA LEU A 68 -13.42 4.96 20.53
C LEU A 68 -12.17 4.03 20.66
N ILE A 69 -11.88 3.31 19.59
CA ILE A 69 -10.72 2.43 19.56
C ILE A 69 -9.41 3.21 19.71
N ARG A 70 -9.28 4.29 19.00
CA ARG A 70 -8.07 5.10 19.13
C ARG A 70 -7.89 5.69 20.54
N LYS A 71 -8.98 6.25 21.10
CA LYS A 71 -8.91 6.76 22.48
C LYS A 71 -8.54 5.67 23.48
N PHE A 72 -9.06 4.46 23.27
CA PHE A 72 -8.69 3.33 24.06
C PHE A 72 -7.20 3.00 23.92
N TYR A 73 -6.69 2.81 22.72
CA TYR A 73 -5.29 2.48 22.53
C TYR A 73 -4.30 3.53 23.06
N VAL A 74 -4.50 4.80 22.77
CA VAL A 74 -3.57 5.82 23.27
C VAL A 74 -3.60 5.86 24.82
N ASN A 75 -4.78 5.90 25.41
CA ASN A 75 -4.88 5.86 26.88
C ASN A 75 -4.31 4.60 27.55
N LEU A 76 -4.53 3.43 26.96
CA LEU A 76 -3.89 2.24 27.49
C LEU A 76 -2.35 2.29 27.38
N GLY A 77 -1.81 2.62 26.21
CA GLY A 77 -0.37 2.77 26.05
C GLY A 77 0.23 3.77 27.06
N MET A 78 -0.38 4.93 27.23
CA MET A 78 0.15 5.95 28.17
C MET A 78 0.15 5.47 29.63
N LYS A 79 -0.94 4.84 30.03
CA LYS A 79 -1.04 4.31 31.37
C LYS A 79 -0.01 3.20 31.64
N LEU A 80 0.21 2.33 30.66
CA LEU A 80 1.15 1.26 30.83
C LEU A 80 2.57 1.79 30.96
N GLN A 81 2.88 2.78 30.15
CA GLN A 81 4.12 3.46 30.18
C GLN A 81 4.38 4.14 31.52
N MET A 82 3.38 4.81 32.04
CA MET A 82 3.50 5.46 33.33
C MET A 82 3.71 4.39 34.39
N GLU A 83 2.88 3.32 34.37
CA GLU A 83 2.95 2.28 35.39
C GLU A 83 4.31 1.58 35.34
N LYS A 84 4.79 1.28 34.15
CA LYS A 84 6.08 0.61 34.06
C LYS A 84 7.26 1.50 34.51
N ALA A 85 7.21 2.80 34.19
CA ALA A 85 8.25 3.72 34.57
C ALA A 85 8.40 3.71 36.06
N GLN A 86 7.31 3.86 36.81
CA GLN A 86 7.41 3.79 38.27
C GLN A 86 7.92 2.42 38.72
N GLU A 87 7.52 1.35 38.02
CA GLU A 87 7.90 0.02 38.46
C GLU A 87 9.43 -0.11 38.35
N VAL A 88 9.99 0.43 37.29
CA VAL A 88 11.43 0.32 37.01
C VAL A 88 12.22 1.07 38.10
N ILE A 89 11.77 2.27 38.41
CA ILE A 89 12.37 3.13 39.41
C ILE A 89 12.43 2.43 40.77
N GLU A 90 11.38 1.67 41.10
CA GLU A 90 11.30 0.98 42.39
C GLU A 90 11.94 -0.41 42.44
N SER A 91 12.39 -0.93 41.31
CA SER A 91 12.83 -2.30 41.19
C SER A 91 14.26 -2.57 41.67
N ASP A 92 14.47 -3.74 42.27
CA ASP A 92 15.79 -4.29 42.54
C ASP A 92 16.46 -4.79 41.29
N SER A 93 15.67 -5.09 40.26
CA SER A 93 16.15 -5.66 39.02
C SER A 93 15.54 -4.86 37.87
N PRO A 94 15.98 -3.61 37.72
CA PRO A 94 15.34 -2.71 36.77
C PRO A 94 15.34 -3.14 35.32
N TRP A 95 16.45 -3.68 34.83
CA TRP A 95 16.52 -4.17 33.46
C TRP A 95 15.52 -5.28 33.20
N GLU A 96 15.41 -6.20 34.14
CA GLU A 96 14.46 -7.26 33.97
C GLU A 96 13.05 -6.67 33.98
N THR A 97 12.77 -5.75 34.88
CA THR A 97 11.47 -5.09 34.92
C THR A 97 11.19 -4.33 33.63
N LEU A 98 12.18 -3.62 33.12
CA LEU A 98 12.02 -2.95 31.84
C LEU A 98 11.59 -3.93 30.76
N ARG A 99 12.31 -5.04 30.68
CA ARG A 99 12.02 -6.05 29.67
C ARG A 99 10.67 -6.76 29.85
N SER A 100 10.02 -6.57 30.99
CA SER A 100 8.67 -7.11 31.17
C SER A 100 7.58 -6.14 30.62
N PHE A 101 7.99 -4.97 30.14
CA PHE A 101 7.08 -4.06 29.46
C PHE A 101 6.36 -4.75 28.31
N TYR A 102 5.06 -4.54 28.26
CA TYR A 102 4.25 -5.31 27.36
C TYR A 102 4.73 -5.16 25.91
N PHE A 103 5.13 -3.96 25.52
CA PHE A 103 5.58 -3.71 24.16
C PHE A 103 7.10 -3.85 24.00
N TYR A 104 7.79 -4.28 25.03
CA TYR A 104 9.25 -4.41 24.92
C TYR A 104 9.75 -5.18 23.72
N PRO A 105 9.36 -6.45 23.54
CA PRO A 105 9.80 -7.27 22.40
C PRO A 105 9.53 -6.56 21.05
N ARG A 106 8.40 -5.85 20.95
CA ARG A 106 8.04 -5.12 19.75
C ARG A 106 8.94 -3.95 19.39
N TYR A 107 9.24 -3.14 20.39
CA TYR A 107 10.13 -1.99 20.25
C TYR A 107 11.52 -2.46 19.84
N LEU A 108 11.94 -3.56 20.42
CA LEU A 108 13.24 -4.13 20.12
C LEU A 108 13.32 -4.45 18.62
N GLU A 109 12.32 -5.12 18.05
CA GLU A 109 12.30 -5.41 16.60
C GLU A 109 12.14 -4.18 15.73
N LEU A 110 11.24 -3.28 16.13
CA LEU A 110 11.03 -1.97 15.46
C LEU A 110 12.34 -1.19 15.33
N LEU A 111 13.08 -1.11 16.41
CA LEU A 111 14.36 -0.43 16.44
C LEU A 111 15.37 -1.13 15.56
N LYS A 112 15.40 -2.44 15.63
CA LYS A 112 16.24 -3.26 14.80
C LYS A 112 16.06 -2.85 13.35
N ASN A 113 14.82 -2.88 12.86
CA ASN A 113 14.40 -2.48 11.53
C ASN A 113 14.88 -1.04 11.21
N GLU A 114 14.63 -0.14 12.15
CA GLU A 114 14.94 1.29 11.97
C GLU A 114 16.43 1.51 11.85
N ALA A 115 17.22 0.80 12.64
CA ALA A 115 18.65 0.92 12.60
C ALA A 115 19.21 0.54 11.22
N ALA A 116 18.66 -0.49 10.57
CA ALA A 116 19.05 -0.81 9.20
C ALA A 116 18.65 0.30 8.25
N LEU A 117 17.42 0.79 8.38
CA LEU A 117 16.86 1.83 7.54
C LEU A 117 17.66 3.13 7.65
N GLY A 118 17.96 3.55 8.86
CA GLY A 118 18.67 4.80 9.10
C GLY A 118 20.17 4.63 9.14
N ARG A 119 20.64 3.41 8.99
CA ARG A 119 22.07 3.07 9.04
C ARG A 119 22.74 3.56 10.33
N PHE A 120 22.16 3.20 11.48
CA PHE A 120 22.69 3.65 12.80
C PHE A 120 24.09 3.09 13.09
N ARG A 121 24.97 3.89 13.70
CA ARG A 121 26.32 3.48 14.05
C ARG A 121 26.74 4.04 15.41
N ARG A 122 27.63 3.33 16.11
CA ARG A 122 28.10 3.73 17.44
C ARG A 122 28.77 5.08 17.34
N GLY A 123 28.49 5.97 18.30
CA GLY A 123 29.02 7.31 18.32
C GLY A 123 28.20 8.36 17.58
N GLU A 124 27.23 7.94 16.80
CA GLU A 124 26.28 8.89 16.19
C GLU A 124 25.29 9.62 17.15
N ARG A 125 24.91 10.81 16.77
CA ARG A 125 24.11 11.69 17.61
C ARG A 125 22.64 11.57 17.24
N ALA A 126 21.85 11.08 18.17
CA ALA A 126 20.39 10.97 17.95
C ALA A 126 19.59 11.89 18.87
N VAL A 127 18.52 12.47 18.33
CA VAL A 127 17.56 13.22 19.13
C VAL A 127 16.20 12.54 18.97
N PHE A 128 15.52 12.27 20.06
CA PHE A 128 14.23 11.54 19.95
C PHE A 128 13.19 12.49 20.47
N ILE A 129 12.26 12.89 19.61
CA ILE A 129 11.14 13.76 20.00
C ILE A 129 9.91 12.99 20.53
N GLY A 130 9.57 13.32 21.78
CA GLY A 130 8.41 12.80 22.50
C GLY A 130 8.77 11.58 23.29
N GLY A 131 9.66 11.75 24.28
CA GLY A 131 10.07 10.63 25.14
C GLY A 131 9.04 9.90 25.99
N GLY A 132 8.11 10.65 26.60
CA GLY A 132 7.10 10.05 27.49
C GLY A 132 7.75 9.55 28.78
N PRO A 133 6.98 8.90 29.65
CA PRO A 133 7.58 8.59 30.95
C PRO A 133 8.64 7.46 30.87
N LEU A 134 8.52 6.62 29.86
CA LEU A 134 9.35 5.48 29.72
C LEU A 134 10.10 5.54 28.37
N PRO A 135 11.27 6.19 28.39
CA PRO A 135 11.94 6.47 27.14
C PRO A 135 12.72 5.28 26.58
N LEU A 136 12.00 4.22 26.27
CA LEU A 136 12.60 2.97 25.84
C LEU A 136 13.48 3.15 24.59
N THR A 137 13.00 3.85 23.59
CA THR A 137 13.77 3.97 22.35
C THR A 137 15.09 4.69 22.67
N GLY A 138 15.01 5.79 23.42
CA GLY A 138 16.20 6.52 23.83
C GLY A 138 17.21 5.61 24.54
N ILE A 139 16.73 4.84 25.49
CA ILE A 139 17.55 3.92 26.28
C ILE A 139 18.25 2.90 25.39
N LEU A 140 17.50 2.32 24.46
CA LEU A 140 18.06 1.32 23.53
C LEU A 140 19.01 1.87 22.47
N LEU A 141 18.79 3.11 22.04
CA LEU A 141 19.68 3.69 21.06
C LEU A 141 21.08 3.74 21.63
N SER A 142 21.16 4.04 22.93
CA SER A 142 22.43 4.02 23.63
C SER A 142 22.86 2.61 24.04
N HIS A 143 22.01 1.91 24.77
CA HIS A 143 22.40 0.64 25.39
C HIS A 143 22.75 -0.44 24.37
N VAL A 144 22.10 -0.39 23.22
CA VAL A 144 22.29 -1.39 22.17
C VAL A 144 23.10 -0.84 21.01
N TYR A 145 22.77 0.35 20.55
CA TYR A 145 23.37 0.88 19.32
C TYR A 145 24.54 1.81 19.60
N GLY A 146 24.82 2.07 20.87
CA GLY A 146 25.95 2.93 21.28
C GLY A 146 25.85 4.34 20.74
N MET A 147 24.62 4.80 20.56
CA MET A 147 24.42 6.15 20.06
C MET A 147 24.40 7.16 21.22
N ARG A 148 24.64 8.42 20.92
CA ARG A 148 24.61 9.46 21.93
C ARG A 148 23.25 10.19 21.82
N VAL A 149 22.48 10.21 22.89
CA VAL A 149 21.06 10.58 22.76
C VAL A 149 20.60 11.73 23.64
N ASN A 150 19.84 12.62 23.03
CA ASN A 150 18.97 13.60 23.71
C ASN A 150 17.51 13.30 23.44
N VAL A 151 16.76 13.10 24.50
CA VAL A 151 15.32 12.86 24.40
C VAL A 151 14.62 14.13 24.81
N VAL A 152 13.67 14.56 24.00
CA VAL A 152 12.94 15.80 24.20
C VAL A 152 11.56 15.48 24.73
N GLU A 153 11.19 16.12 25.83
CA GLU A 153 9.89 15.88 26.43
C GLU A 153 9.26 17.21 26.84
N ILE A 154 8.06 17.45 26.34
CA ILE A 154 7.42 18.77 26.56
C ILE A 154 6.95 19.01 28.02
N GLU A 155 6.53 17.93 28.70
CA GLU A 155 5.92 18.06 30.06
C GLU A 155 6.98 17.92 31.12
N PRO A 156 7.19 18.95 31.93
CA PRO A 156 8.25 18.92 32.94
C PRO A 156 8.16 17.75 33.89
N ASP A 157 6.99 17.40 34.41
CA ASP A 157 6.93 16.25 35.33
C ASP A 157 7.14 14.87 34.66
N ILE A 158 6.75 14.75 33.39
CA ILE A 158 7.08 13.57 32.62
C ILE A 158 8.59 13.48 32.40
N ALA A 159 9.23 14.60 32.05
CA ALA A 159 10.65 14.63 31.81
C ALA A 159 11.35 14.16 33.04
N GLU A 160 10.91 14.64 34.21
CA GLU A 160 11.55 14.33 35.48
C GLU A 160 11.50 12.84 35.80
N LEU A 161 10.36 12.23 35.54
CA LEU A 161 10.14 10.80 35.67
C LEU A 161 11.00 9.96 34.72
N SER A 162 11.08 10.36 33.44
CA SER A 162 11.92 9.66 32.51
C SER A 162 13.39 9.67 33.00
N ARG A 163 13.88 10.79 33.51
CA ARG A 163 15.24 10.87 34.00
C ARG A 163 15.44 9.89 35.12
N LYS A 164 14.48 9.74 36.02
CA LYS A 164 14.58 8.70 37.01
C LYS A 164 14.66 7.26 36.48
N VAL A 165 13.88 6.98 35.45
CA VAL A 165 13.96 5.68 34.77
C VAL A 165 15.39 5.46 34.19
N ILE A 166 15.91 6.48 33.50
CA ILE A 166 17.23 6.37 32.92
C ILE A 166 18.31 6.17 34.03
N GLU A 167 18.25 6.93 35.10
CA GLU A 167 19.21 6.83 36.20
C GLU A 167 19.10 5.49 36.94
N GLY A 168 17.88 5.01 37.11
CA GLY A 168 17.64 3.68 37.68
C GLY A 168 18.28 2.55 36.89
N LEU A 169 18.36 2.68 35.59
CA LEU A 169 18.91 1.59 34.83
C LEU A 169 20.42 1.71 34.72
N GLY A 170 20.99 2.87 35.03
CA GLY A 170 22.43 3.03 34.95
C GLY A 170 22.92 3.20 33.53
N VAL A 171 22.01 3.55 32.64
CA VAL A 171 22.33 3.70 31.24
C VAL A 171 23.10 5.02 31.01
N ASP A 172 24.18 4.91 30.25
CA ASP A 172 25.02 5.99 29.80
C ASP A 172 24.47 6.70 28.58
N GLY A 173 24.73 7.98 28.50
CA GLY A 173 24.61 8.68 27.23
C GLY A 173 23.23 8.96 26.78
N VAL A 174 22.29 9.01 27.73
CA VAL A 174 20.91 9.41 27.42
C VAL A 174 20.53 10.56 28.33
N ASN A 175 20.27 11.71 27.74
CA ASN A 175 19.85 12.90 28.52
C ASN A 175 18.43 13.31 28.07
N VAL A 176 17.63 13.86 28.97
CA VAL A 176 16.30 14.35 28.68
C VAL A 176 16.32 15.86 28.71
N ILE A 177 15.85 16.50 27.64
CA ILE A 177 15.65 17.95 27.62
C ILE A 177 14.16 18.25 27.71
N THR A 178 13.79 19.02 28.73
CA THR A 178 12.45 19.54 28.85
C THR A 178 12.21 20.67 27.86
N GLY A 179 11.27 20.48 26.97
CA GLY A 179 10.89 21.54 26.06
C GLY A 179 10.12 21.02 24.88
N ASP A 180 9.78 21.93 23.98
CA ASP A 180 9.18 21.50 22.73
C ASP A 180 10.24 21.15 21.68
N GLU A 181 9.79 20.83 20.48
CA GLU A 181 10.63 20.31 19.42
C GLU A 181 11.62 21.40 18.95
N THR A 182 11.33 22.64 19.29
CA THR A 182 12.11 23.82 18.97
C THR A 182 13.50 23.83 19.64
N VAL A 183 13.66 23.03 20.70
CA VAL A 183 14.94 22.95 21.38
C VAL A 183 16.00 22.38 20.50
N ILE A 184 15.62 21.70 19.41
CA ILE A 184 16.61 21.20 18.48
C ILE A 184 17.42 22.34 17.86
N ASP A 185 16.90 23.58 17.88
CA ASP A 185 17.67 24.73 17.37
C ASP A 185 19.10 24.74 17.95
N GLY A 186 19.23 24.49 19.23
CA GLY A 186 20.54 24.52 19.91
C GLY A 186 21.31 23.22 19.96
N LEU A 187 20.84 22.22 19.23
CA LEU A 187 21.44 20.91 19.24
C LEU A 187 22.13 20.57 17.93
N GLU A 188 23.15 19.72 18.00
CA GLU A 188 23.78 19.15 16.80
C GLU A 188 23.58 17.62 16.73
N PHE A 189 23.14 17.11 15.58
CA PHE A 189 22.73 15.70 15.55
C PHE A 189 22.79 15.07 14.18
N ASP A 190 22.85 13.75 14.17
CA ASP A 190 22.92 12.99 12.94
C ASP A 190 21.59 12.38 12.56
N VAL A 191 20.81 11.98 13.57
CA VAL A 191 19.54 11.31 13.33
C VAL A 191 18.45 11.89 14.20
N LEU A 192 17.34 12.23 13.57
CA LEU A 192 16.21 12.74 14.34
C LEU A 192 15.09 11.69 14.28
N MET A 193 14.59 11.25 15.42
CA MET A 193 13.43 10.38 15.41
C MET A 193 12.20 11.04 16.04
N VAL A 194 11.05 10.80 15.44
CA VAL A 194 9.77 11.31 15.97
C VAL A 194 8.87 10.19 16.51
N ALA A 195 8.47 10.30 17.77
CA ALA A 195 7.68 9.25 18.45
C ALA A 195 6.33 9.14 17.76
N ALA A 196 5.78 7.96 17.75
CA ALA A 196 4.46 7.73 17.16
C ALA A 196 3.42 8.63 17.79
N LEU A 197 3.62 8.92 19.07
CA LEU A 197 2.68 9.71 19.81
C LEU A 197 2.97 11.22 19.89
N ALA A 198 4.07 11.67 19.30
CA ALA A 198 4.41 13.11 19.30
C ALA A 198 3.31 13.86 18.56
N GLU A 199 2.69 14.88 19.20
CA GLU A 199 1.56 15.67 18.61
C GLU A 199 1.66 17.17 18.93
N PRO A 200 1.07 18.05 18.09
CA PRO A 200 0.35 17.80 16.85
C PRO A 200 1.32 17.63 15.70
N LYS A 201 1.13 16.64 14.82
CA LYS A 201 2.13 16.37 13.79
C LYS A 201 2.45 17.59 12.95
N ARG A 202 1.44 18.40 12.62
CA ARG A 202 1.69 19.52 11.72
C ARG A 202 2.72 20.49 12.32
N ARG A 203 2.47 20.95 13.54
CA ARG A 203 3.37 21.90 14.20
C ARG A 203 4.77 21.33 14.37
N VAL A 204 4.85 20.07 14.81
CA VAL A 204 6.11 19.40 14.98
C VAL A 204 6.96 19.32 13.71
N PHE A 205 6.38 18.80 12.64
CA PHE A 205 7.16 18.71 11.42
C PHE A 205 7.51 20.06 10.80
N ARG A 206 6.62 21.02 10.93
CA ARG A 206 6.92 22.39 10.48
C ARG A 206 8.10 23.01 11.25
N ASN A 207 8.15 22.79 12.55
CA ASN A 207 9.35 23.20 13.30
C ASN A 207 10.60 22.41 12.92
N ILE A 208 10.47 21.08 12.75
CA ILE A 208 11.64 20.27 12.43
C ILE A 208 12.25 20.78 11.12
N HIS A 209 11.40 21.13 10.17
CA HIS A 209 11.83 21.57 8.86
C HIS A 209 12.75 22.77 8.95
N ARG A 210 12.44 23.68 9.87
CA ARG A 210 13.17 24.90 10.07
C ARG A 210 14.57 24.69 10.60
N TYR A 211 14.78 23.62 11.33
CA TYR A 211 16.01 23.47 12.03
C TYR A 211 16.97 22.38 11.50
N VAL A 212 16.53 21.49 10.62
CA VAL A 212 17.42 20.42 10.15
C VAL A 212 18.01 20.81 8.81
N ASP A 213 18.95 20.02 8.31
CA ASP A 213 19.33 20.25 6.92
C ASP A 213 19.01 19.10 5.99
N THR A 214 19.50 19.19 4.76
CA THR A 214 19.11 18.23 3.71
C THR A 214 19.74 16.88 3.89
N GLU A 215 20.78 16.76 4.72
CA GLU A 215 21.37 15.47 4.97
C GLU A 215 21.05 14.83 6.33
N THR A 216 20.22 15.49 7.15
CA THR A 216 19.72 14.88 8.35
C THR A 216 18.76 13.71 8.09
N ARG A 217 19.08 12.54 8.64
CA ARG A 217 18.16 11.40 8.62
C ARG A 217 17.01 11.56 9.62
N ILE A 218 15.81 11.65 9.13
CA ILE A 218 14.65 11.80 10.00
C ILE A 218 13.78 10.56 9.86
N ILE A 219 13.61 9.82 10.96
CA ILE A 219 12.70 8.70 11.00
C ILE A 219 11.49 9.00 11.85
N TYR A 220 10.31 8.87 11.27
CA TYR A 220 9.11 8.95 12.10
C TYR A 220 8.24 7.66 12.10
N ARG A 221 7.42 7.49 13.13
CA ARG A 221 6.62 6.28 13.28
C ARG A 221 5.18 6.66 12.98
N THR A 222 4.45 5.81 12.30
CA THR A 222 3.07 6.09 11.91
C THR A 222 2.39 4.70 11.80
N TYR A 223 1.19 4.67 11.20
CA TYR A 223 0.36 3.46 11.08
C TYR A 223 -0.11 3.28 9.66
N THR A 224 -0.03 2.06 9.13
CA THR A 224 -0.47 1.81 7.76
C THR A 224 -1.40 0.61 7.79
N GLY A 225 -2.16 0.42 6.70
CA GLY A 225 -3.08 -0.70 6.56
C GLY A 225 -4.06 -0.81 7.72
N MET A 226 -4.42 -2.03 8.10
CA MET A 226 -5.38 -2.23 9.19
C MET A 226 -4.88 -1.72 10.57
N ARG A 227 -3.56 -1.59 10.69
CA ARG A 227 -2.93 -1.05 11.90
C ARG A 227 -3.29 0.40 12.14
N ALA A 228 -3.76 1.09 11.12
CA ALA A 228 -4.29 2.48 11.28
C ALA A 228 -5.58 2.58 12.11
N ILE A 229 -6.15 1.43 12.41
CA ILE A 229 -7.24 1.33 13.36
C ILE A 229 -6.77 1.88 14.72
N LEU A 230 -5.49 1.66 15.03
CA LEU A 230 -4.97 2.01 16.32
C LEU A 230 -4.78 3.51 16.55
N TYR A 231 -4.43 4.26 15.52
CA TYR A 231 -4.04 5.67 15.69
C TYR A 231 -4.06 6.30 14.31
N ALA A 232 -4.41 7.57 14.27
CA ALA A 232 -4.41 8.34 13.01
C ALA A 232 -3.01 8.33 12.36
N PRO A 233 -2.92 7.89 11.11
CA PRO A 233 -1.65 7.97 10.38
C PRO A 233 -1.13 9.42 10.20
N VAL A 234 0.17 9.57 10.01
CA VAL A 234 0.75 10.86 9.61
C VAL A 234 0.26 11.12 8.19
N SER A 235 -0.34 12.29 7.95
CA SER A 235 -0.86 12.60 6.61
C SER A 235 0.13 13.25 5.63
N ASP A 236 -0.32 13.42 4.39
CA ASP A 236 0.49 13.97 3.33
C ASP A 236 0.84 15.39 3.72
N ASP A 237 -0.15 16.08 4.25
CA ASP A 237 -0.06 17.46 4.69
C ASP A 237 0.97 17.71 5.78
N ASP A 238 1.14 16.75 6.66
CA ASP A 238 2.11 16.85 7.75
C ASP A 238 3.54 16.90 7.27
N ILE A 239 3.90 16.13 6.26
CA ILE A 239 5.31 16.06 5.86
C ILE A 239 5.64 16.88 4.61
N THR A 240 4.86 17.95 4.42
CA THR A 240 5.15 18.89 3.35
C THR A 240 6.58 19.42 3.54
N GLY A 241 7.36 19.42 2.46
CA GLY A 241 8.72 19.96 2.45
C GLY A 241 9.76 18.93 2.75
N PHE A 242 9.28 17.70 2.93
CA PHE A 242 10.12 16.55 3.14
C PHE A 242 9.89 15.55 1.98
N ARG A 243 10.88 14.72 1.70
CA ARG A 243 10.72 13.64 0.73
C ARG A 243 10.91 12.29 1.37
N ARG A 244 10.04 11.34 1.05
CA ARG A 244 10.23 9.99 1.56
C ARG A 244 11.37 9.29 0.85
N ALA A 245 12.17 8.61 1.62
CA ALA A 245 13.33 7.97 1.10
C ALA A 245 13.30 6.46 1.39
N GLY A 246 12.35 5.98 2.18
CA GLY A 246 12.41 4.57 2.62
C GLY A 246 11.35 4.30 3.67
N VAL A 247 10.89 3.05 3.73
CA VAL A 247 9.88 2.63 4.70
C VAL A 247 10.13 1.23 5.26
N VAL A 248 9.93 1.03 6.56
CA VAL A 248 9.82 -0.35 7.06
C VAL A 248 8.39 -0.67 7.52
N LEU A 249 7.74 -1.58 6.80
CA LEU A 249 6.37 -2.04 7.14
C LEU A 249 6.45 -3.13 8.21
N PRO A 250 5.52 -3.15 9.16
CA PRO A 250 5.68 -4.12 10.26
C PRO A 250 5.12 -5.49 9.93
N SER A 251 5.64 -6.52 10.60
CA SER A 251 5.05 -7.85 10.60
C SER A 251 4.92 -8.32 12.03
N GLY A 252 4.39 -9.51 12.25
CA GLY A 252 4.19 -10.00 13.61
C GLY A 252 3.29 -9.07 14.39
N LYS A 253 3.71 -8.72 15.58
CA LYS A 253 2.86 -7.92 16.47
C LYS A 253 3.25 -6.46 16.51
N VAL A 254 4.38 -6.15 15.90
CA VAL A 254 4.72 -4.72 15.69
C VAL A 254 3.60 -3.91 15.02
N ASN A 255 3.26 -2.76 15.64
CA ASN A 255 2.18 -1.85 15.20
C ASN A 255 2.63 -0.70 14.28
N ASN A 256 3.77 -0.11 14.57
CA ASN A 256 4.27 1.05 13.80
C ASN A 256 4.91 0.71 12.46
N THR A 257 4.65 1.52 11.46
CA THR A 257 5.46 1.66 10.25
C THR A 257 6.55 2.74 10.50
N SER A 258 7.77 2.50 10.09
CA SER A 258 8.77 3.54 10.24
C SER A 258 9.11 4.15 8.87
N VAL A 259 9.21 5.46 8.82
CA VAL A 259 9.44 6.14 7.55
C VAL A 259 10.66 7.05 7.63
N LEU A 260 11.53 6.95 6.63
CA LEU A 260 12.72 7.79 6.59
C LEU A 260 12.44 8.96 5.66
N VAL A 261 12.64 10.19 6.16
CA VAL A 261 12.50 11.36 5.29
C VAL A 261 13.75 12.22 5.22
N PHE A 262 13.83 13.07 4.20
CA PHE A 262 14.84 14.11 4.15
C PHE A 262 14.20 15.43 3.78
N LYS A 263 14.72 16.50 4.35
CA LYS A 263 14.24 17.84 4.03
C LYS A 263 14.61 18.10 2.58
N CYS A 264 13.68 18.71 1.88
CA CYS A 264 13.89 19.18 0.52
C CYS A 264 14.82 20.40 0.40
N PRO A 265 15.67 20.44 -0.65
CA PRO A 265 15.93 19.31 -1.56
C PRO A 265 16.66 18.16 -0.86
N SER B 2 6.57 18.73 -2.25
CA SER B 2 7.77 17.91 -2.02
C SER B 2 8.87 18.19 -3.07
N CYS B 3 9.81 17.24 -3.24
CA CYS B 3 10.99 17.40 -4.12
C CYS B 3 11.54 16.09 -4.80
N TYR B 4 10.68 15.16 -5.17
CA TYR B 4 11.13 13.91 -5.80
C TYR B 4 11.84 14.00 -7.18
N ILE B 5 12.99 13.31 -7.32
CA ILE B 5 13.71 13.43 -8.62
C ILE B 5 12.88 12.81 -9.74
N TYR B 6 12.05 11.81 -9.39
CA TYR B 6 11.20 11.17 -10.37
C TYR B 6 10.20 12.17 -10.97
N TRP B 7 9.89 13.26 -10.27
CA TRP B 7 8.92 14.23 -10.80
C TRP B 7 9.42 14.86 -12.07
N ASP B 8 10.65 15.35 -12.07
CA ASP B 8 11.25 15.87 -13.32
C ASP B 8 11.38 14.81 -14.42
N LYS B 9 11.70 13.59 -14.06
CA LYS B 9 11.87 12.53 -15.07
C LYS B 9 10.54 12.33 -15.80
N ILE B 10 9.46 12.31 -15.04
CA ILE B 10 8.14 12.05 -15.56
C ILE B 10 7.69 13.22 -16.42
N LYS B 11 7.98 14.43 -15.97
CA LYS B 11 7.57 15.60 -16.74
C LYS B 11 8.31 15.61 -18.07
N ARG B 12 9.58 15.22 -18.07
CA ARG B 12 10.39 15.18 -19.29
C ARG B 12 9.90 14.09 -20.28
N ILE B 13 9.47 12.96 -19.74
CA ILE B 13 8.85 11.90 -20.55
C ILE B 13 7.56 12.39 -21.16
N ALA B 14 6.70 13.01 -20.35
CA ALA B 14 5.44 13.54 -20.84
C ALA B 14 5.64 14.58 -21.94
N SER B 15 6.66 15.41 -21.80
CA SER B 15 6.94 16.46 -22.78
C SER B 15 7.25 15.83 -24.14
N ARG B 16 8.10 14.81 -24.12
CA ARG B 16 8.44 13.99 -25.30
C ARG B 16 7.20 13.33 -25.96
N LEU B 17 6.31 12.79 -25.12
CA LEU B 17 5.07 12.20 -25.58
C LEU B 17 4.16 13.25 -26.22
N GLU B 18 4.07 14.41 -25.57
CA GLU B 18 3.27 15.54 -26.04
C GLU B 18 3.73 16.01 -27.45
N GLY B 19 5.03 16.10 -27.63
CA GLY B 19 5.67 16.50 -28.89
C GLY B 19 5.43 15.49 -29.98
N MET B 20 5.57 14.20 -29.65
CA MET B 20 5.28 13.10 -30.55
C MET B 20 3.86 13.11 -31.09
N ASN B 21 2.87 13.26 -30.19
CA ASN B 21 1.47 13.23 -30.53
C ASN B 21 1.06 14.41 -31.37
N TYR B 22 1.73 15.54 -31.20
CA TYR B 22 1.48 16.70 -32.01
C TYR B 22 1.76 16.37 -33.50
N HIS B 23 2.81 15.58 -33.73
CA HIS B 23 3.23 15.17 -35.05
C HIS B 23 2.50 14.02 -35.68
N PHE B 24 2.11 13.05 -34.88
CA PHE B 24 1.46 11.84 -35.39
C PHE B 24 0.36 11.40 -34.50
N ASP B 25 -0.79 11.16 -35.10
CA ASP B 25 -1.94 10.53 -34.45
C ASP B 25 -1.64 9.04 -34.28
N GLU B 26 -0.89 8.48 -35.21
CA GLU B 26 -0.80 7.03 -35.33
C GLU B 26 0.53 6.58 -34.65
N MET B 27 0.49 5.60 -33.75
CA MET B 27 1.68 5.13 -33.01
C MET B 27 2.70 4.39 -33.88
N ASP B 28 3.98 4.76 -33.78
CA ASP B 28 5.06 3.96 -34.34
C ASP B 28 5.67 3.07 -33.26
N THR B 29 5.18 1.84 -33.28
CA THR B 29 5.36 0.83 -32.27
C THR B 29 6.82 0.48 -32.03
N SER B 30 7.59 0.25 -33.10
CA SER B 30 9.02 0.06 -32.94
C SER B 30 9.73 1.24 -32.36
N GLY B 31 9.40 2.43 -32.87
CA GLY B 31 10.13 3.62 -32.47
C GLY B 31 9.96 3.99 -31.00
N VAL B 32 8.81 3.70 -30.41
CA VAL B 32 8.58 4.23 -29.06
C VAL B 32 8.93 3.23 -27.96
N MET B 33 9.45 2.07 -28.34
CA MET B 33 9.87 1.08 -27.33
C MET B 33 10.91 1.62 -26.30
N PRO B 34 11.82 2.52 -26.69
CA PRO B 34 12.59 3.18 -25.63
C PRO B 34 11.78 3.98 -24.59
N LEU B 35 10.70 4.64 -24.99
CA LEU B 35 9.90 5.45 -24.08
C LEU B 35 9.19 4.54 -23.07
N LEU B 36 8.66 3.43 -23.58
CA LEU B 36 8.03 2.44 -22.77
C LEU B 36 9.01 1.89 -21.74
N ASP B 37 10.23 1.58 -22.15
CA ASP B 37 11.22 1.02 -21.22
C ASP B 37 11.63 2.05 -20.14
N GLU B 38 11.77 3.32 -20.52
CA GLU B 38 11.99 4.35 -19.55
C GLU B 38 10.81 4.46 -18.56
N ILE B 39 9.59 4.40 -19.06
CA ILE B 39 8.44 4.46 -18.18
C ILE B 39 8.36 3.22 -17.28
N GLU B 40 8.65 2.06 -17.82
CA GLU B 40 8.62 0.80 -17.05
C GLU B 40 9.74 0.72 -15.99
N GLU B 41 10.89 1.30 -16.26
CA GLU B 41 11.92 1.37 -15.22
C GLU B 41 11.44 2.14 -13.97
N ILE B 42 10.71 3.21 -14.17
CA ILE B 42 10.13 3.91 -13.06
C ILE B 42 9.04 3.04 -12.37
N ALA B 43 8.07 2.58 -13.14
CA ALA B 43 6.98 1.75 -12.61
C ALA B 43 7.53 0.55 -11.83
N HIS B 44 8.61 -0.05 -12.30
CA HIS B 44 9.16 -1.28 -11.71
C HIS B 44 10.13 -1.12 -10.54
N ASP B 45 10.46 0.11 -10.19
CA ASP B 45 11.43 0.43 -9.15
C ASP B 45 10.92 -0.17 -7.80
N SER B 46 11.50 -1.29 -7.40
CA SER B 46 11.05 -2.00 -6.19
C SER B 46 11.28 -1.27 -4.86
N THR B 47 12.15 -0.27 -4.87
CA THR B 47 12.57 0.37 -3.63
C THR B 47 11.54 1.38 -3.20
N ILE B 48 10.32 1.28 -3.72
CA ILE B 48 9.30 2.30 -3.40
C ILE B 48 7.95 1.74 -3.02
N ASP B 49 7.59 2.00 -1.78
CA ASP B 49 6.37 1.49 -1.18
C ASP B 49 5.15 2.23 -1.72
N PHE B 50 3.99 1.64 -1.50
CA PHE B 50 2.72 2.13 -2.02
C PHE B 50 2.37 3.52 -1.60
N GLU B 51 2.54 3.83 -0.31
CA GLU B 51 2.29 5.22 0.16
C GLU B 51 3.20 6.21 -0.48
N SER B 52 4.47 5.86 -0.62
CA SER B 52 5.36 6.80 -1.24
C SER B 52 4.94 6.97 -2.70
N ALA B 53 4.42 5.89 -3.29
CA ALA B 53 3.99 5.94 -4.70
C ALA B 53 2.92 6.93 -4.93
N LYS B 54 1.92 6.99 -4.07
CA LYS B 54 0.83 7.94 -4.29
C LYS B 54 1.22 9.39 -3.94
N HIS B 55 2.18 9.54 -3.04
CA HIS B 55 2.78 10.83 -2.73
C HIS B 55 3.46 11.38 -3.94
N ILE B 56 4.20 10.51 -4.64
CA ILE B 56 4.81 11.01 -5.86
C ILE B 56 3.83 11.11 -7.05
N LEU B 57 3.06 10.05 -7.29
CA LEU B 57 2.16 10.05 -8.45
C LEU B 57 0.94 10.98 -8.41
N ASP B 58 0.23 11.03 -7.29
CA ASP B 58 -1.05 11.74 -7.29
C ASP B 58 -0.94 13.21 -6.88
N ASP B 59 0.29 13.71 -6.83
CA ASP B 59 0.52 15.12 -6.61
C ASP B 59 -0.10 15.91 -7.74
N ALA B 60 -0.86 16.95 -7.37
CA ALA B 60 -1.57 17.79 -8.34
C ALA B 60 -0.72 18.26 -9.54
N GLU B 61 0.54 18.58 -9.30
CA GLU B 61 1.40 19.13 -10.36
C GLU B 61 1.91 18.07 -11.37
N MET B 62 1.54 16.82 -11.14
CA MET B 62 1.89 15.71 -11.99
C MET B 62 0.68 15.24 -12.80
N ASN B 63 -0.48 15.85 -12.57
CA ASN B 63 -1.65 15.34 -13.20
C ASN B 63 -1.60 15.35 -14.73
N HIS B 64 -1.10 16.43 -15.32
CA HIS B 64 -1.03 16.53 -16.74
C HIS B 64 -0.05 15.48 -17.33
N ALA B 65 1.15 15.39 -16.76
CA ALA B 65 2.16 14.44 -17.20
C ALA B 65 1.68 12.98 -17.06
N LEU B 66 1.02 12.67 -15.95
CA LEU B 66 0.39 11.36 -15.73
C LEU B 66 -0.64 10.97 -16.79
N SER B 67 -1.55 11.88 -17.10
CA SER B 67 -2.52 11.67 -18.15
C SER B 67 -1.92 11.30 -19.52
N LEU B 68 -0.92 12.06 -19.95
CA LEU B 68 -0.16 11.78 -21.16
C LEU B 68 0.54 10.40 -21.16
N ILE B 69 1.15 10.02 -20.05
CA ILE B 69 1.82 8.74 -19.94
C ILE B 69 0.81 7.61 -19.99
N ARG B 70 -0.25 7.76 -19.22
CA ARG B 70 -1.34 6.79 -19.24
C ARG B 70 -2.05 6.65 -20.63
N LYS B 71 -2.19 7.76 -21.34
CA LYS B 71 -2.68 7.68 -22.72
C LYS B 71 -1.73 6.94 -23.65
N PHE B 72 -0.45 7.21 -23.53
CA PHE B 72 0.59 6.47 -24.28
C PHE B 72 0.48 4.97 -24.07
N TYR B 73 0.45 4.55 -22.80
CA TYR B 73 0.42 3.13 -22.48
C TYR B 73 -0.76 2.42 -23.14
N VAL B 74 -1.95 2.99 -23.01
CA VAL B 74 -3.10 2.39 -23.62
C VAL B 74 -3.02 2.31 -25.15
N ASN B 75 -2.62 3.41 -25.79
CA ASN B 75 -2.52 3.50 -27.23
C ASN B 75 -1.44 2.56 -27.74
N LEU B 76 -0.30 2.49 -27.05
CA LEU B 76 0.77 1.58 -27.46
C LEU B 76 0.30 0.14 -27.35
N GLY B 77 -0.33 -0.20 -26.23
CA GLY B 77 -0.82 -1.55 -25.98
C GLY B 77 -1.79 -2.01 -27.05
N MET B 78 -2.71 -1.12 -27.39
CA MET B 78 -3.75 -1.43 -28.37
C MET B 78 -3.08 -1.70 -29.74
N LYS B 79 -2.16 -0.82 -30.14
CA LYS B 79 -1.44 -0.99 -31.40
C LYS B 79 -0.53 -2.22 -31.49
N LEU B 80 0.14 -2.51 -30.37
CA LEU B 80 0.91 -3.74 -30.29
C LEU B 80 0.01 -4.97 -30.48
N GLN B 81 -1.14 -5.02 -29.81
CA GLN B 81 -2.07 -6.12 -29.95
C GLN B 81 -2.60 -6.25 -31.40
N MET B 82 -3.05 -5.13 -31.99
CA MET B 82 -3.55 -5.11 -33.35
C MET B 82 -2.50 -5.62 -34.30
N GLU B 83 -1.26 -5.12 -34.16
CA GLU B 83 -0.18 -5.55 -35.09
C GLU B 83 0.11 -7.04 -34.95
N LYS B 84 0.10 -7.50 -33.73
CA LYS B 84 0.47 -8.88 -33.48
C LYS B 84 -0.61 -9.79 -33.97
N ALA B 85 -1.87 -9.38 -33.79
CA ALA B 85 -3.00 -10.16 -34.26
C ALA B 85 -2.86 -10.39 -35.76
N GLN B 86 -2.59 -9.31 -36.48
CA GLN B 86 -2.45 -9.39 -37.93
C GLN B 86 -1.29 -10.30 -38.29
N GLU B 87 -0.19 -10.19 -37.55
CA GLU B 87 0.97 -11.07 -37.73
C GLU B 87 0.67 -12.55 -37.52
N VAL B 88 -0.08 -12.84 -36.47
CA VAL B 88 -0.41 -14.23 -36.17
C VAL B 88 -1.24 -14.84 -37.31
N ILE B 89 -2.23 -14.07 -37.76
CA ILE B 89 -3.14 -14.48 -38.84
C ILE B 89 -2.37 -14.80 -40.12
N GLU B 90 -1.33 -14.02 -40.38
CA GLU B 90 -0.50 -14.23 -41.56
C GLU B 90 0.57 -15.32 -41.45
N SER B 91 0.87 -15.74 -40.22
CA SER B 91 2.05 -16.55 -39.98
C SER B 91 1.82 -17.99 -40.30
N ASP B 92 2.82 -18.63 -40.90
CA ASP B 92 2.88 -20.08 -41.00
C ASP B 92 3.39 -20.76 -39.72
N SER B 93 3.89 -19.95 -38.79
CA SER B 93 4.24 -20.45 -37.48
C SER B 93 3.60 -19.54 -36.45
N PRO B 94 2.29 -19.73 -36.24
CA PRO B 94 1.52 -18.84 -35.38
C PRO B 94 1.90 -18.86 -33.89
N TRP B 95 2.14 -20.00 -33.30
CA TRP B 95 2.50 -20.00 -31.89
C TRP B 95 3.84 -19.30 -31.67
N GLU B 96 4.78 -19.54 -32.58
CA GLU B 96 6.07 -18.85 -32.53
C GLU B 96 5.92 -17.32 -32.64
N THR B 97 5.08 -16.92 -33.55
CA THR B 97 4.77 -15.51 -33.70
C THR B 97 4.03 -14.96 -32.46
N LEU B 98 3.12 -15.72 -31.88
CA LEU B 98 2.45 -15.24 -30.66
C LEU B 98 3.37 -15.09 -29.46
N ARG B 99 4.28 -16.05 -29.23
CA ARG B 99 5.20 -15.96 -28.11
C ARG B 99 6.22 -14.82 -28.20
N SER B 100 6.39 -14.23 -29.39
CA SER B 100 7.24 -13.06 -29.54
C SER B 100 6.56 -11.70 -29.16
N PHE B 101 5.27 -11.74 -28.82
CA PHE B 101 4.51 -10.56 -28.43
C PHE B 101 5.17 -9.97 -27.19
N TYR B 102 5.35 -8.65 -27.15
CA TYR B 102 6.10 -8.03 -26.07
C TYR B 102 5.66 -8.48 -24.68
N PHE B 103 4.36 -8.56 -24.45
CA PHE B 103 3.85 -8.90 -23.10
C PHE B 103 3.61 -10.39 -22.91
N TYR B 104 3.91 -11.22 -23.90
CA TYR B 104 3.59 -12.61 -23.72
C TYR B 104 4.16 -13.23 -22.41
N PRO B 105 5.45 -13.09 -22.11
CA PRO B 105 5.98 -13.75 -20.90
C PRO B 105 5.28 -13.27 -19.66
N ARG B 106 4.90 -11.99 -19.65
CA ARG B 106 4.19 -11.40 -18.54
C ARG B 106 2.77 -11.97 -18.31
N TYR B 107 2.03 -12.16 -19.37
CA TYR B 107 0.67 -12.70 -19.23
C TYR B 107 0.74 -14.13 -18.73
N LEU B 108 1.76 -14.82 -19.19
CA LEU B 108 2.05 -16.16 -18.74
C LEU B 108 2.18 -16.23 -17.23
N GLU B 109 3.01 -15.37 -16.64
CA GLU B 109 3.19 -15.29 -15.20
C GLU B 109 1.94 -14.81 -14.48
N LEU B 110 1.30 -13.79 -15.04
CA LEU B 110 0.07 -13.23 -14.47
C LEU B 110 -1.05 -14.27 -14.36
N LEU B 111 -1.29 -15.06 -15.42
CA LEU B 111 -2.33 -16.05 -15.38
C LEU B 111 -2.08 -17.14 -14.35
N LYS B 112 -0.83 -17.61 -14.28
CA LYS B 112 -0.45 -18.60 -13.30
C LYS B 112 -0.82 -18.09 -11.91
N ASN B 113 -0.41 -16.84 -11.59
CA ASN B 113 -0.79 -16.16 -10.37
C ASN B 113 -2.34 -16.26 -10.19
N GLU B 114 -3.09 -15.85 -11.22
CA GLU B 114 -4.56 -15.76 -11.12
C GLU B 114 -5.29 -17.12 -10.92
N ALA B 115 -4.80 -18.14 -11.60
CA ALA B 115 -5.33 -19.48 -11.55
C ALA B 115 -5.23 -20.02 -10.14
N ALA B 116 -4.14 -19.67 -9.47
CA ALA B 116 -4.01 -20.01 -8.05
C ALA B 116 -4.99 -19.20 -7.21
N LEU B 117 -5.07 -17.90 -7.47
CA LEU B 117 -5.93 -17.06 -6.70
C LEU B 117 -7.39 -17.45 -6.87
N GLY B 118 -7.78 -17.86 -8.08
CA GLY B 118 -9.19 -18.12 -8.40
C GLY B 118 -9.47 -19.61 -8.45
N ARG B 119 -8.52 -20.41 -8.00
CA ARG B 119 -8.69 -21.86 -7.96
C ARG B 119 -9.21 -22.45 -9.29
N PHE B 120 -8.57 -22.11 -10.42
CA PHE B 120 -9.13 -22.52 -11.70
C PHE B 120 -9.07 -24.02 -11.82
N ARG B 121 -10.10 -24.62 -12.37
CA ARG B 121 -10.08 -26.08 -12.65
C ARG B 121 -10.44 -26.35 -14.07
N ARG B 122 -9.84 -27.39 -14.66
CA ARG B 122 -10.13 -27.73 -16.06
C ARG B 122 -11.60 -28.02 -16.23
N GLY B 123 -12.20 -27.50 -17.29
CA GLY B 123 -13.62 -27.71 -17.50
C GLY B 123 -14.52 -26.59 -17.06
N GLU B 124 -14.08 -25.72 -16.15
CA GLU B 124 -14.87 -24.59 -15.69
C GLU B 124 -15.13 -23.60 -16.80
N ARG B 125 -16.21 -22.87 -16.67
CA ARG B 125 -16.63 -21.90 -17.68
C ARG B 125 -16.11 -20.55 -17.23
N ALA B 126 -15.32 -19.89 -18.06
CA ALA B 126 -14.82 -18.54 -17.74
C ALA B 126 -15.31 -17.51 -18.79
N VAL B 127 -15.59 -16.30 -18.36
CA VAL B 127 -15.88 -15.21 -19.27
C VAL B 127 -14.81 -14.14 -19.08
N PHE B 128 -14.24 -13.70 -20.17
CA PHE B 128 -13.26 -12.66 -20.10
C PHE B 128 -13.74 -11.42 -20.79
N ILE B 129 -13.86 -10.34 -20.03
CA ILE B 129 -14.38 -9.08 -20.55
C ILE B 129 -13.25 -8.17 -21.02
N GLY B 130 -13.28 -7.79 -22.29
CA GLY B 130 -12.31 -6.87 -22.89
C GLY B 130 -11.23 -7.59 -23.63
N GLY B 131 -11.60 -8.58 -24.43
CA GLY B 131 -10.60 -9.33 -25.25
C GLY B 131 -9.60 -8.52 -26.10
N GLY B 132 -10.04 -7.49 -26.80
CA GLY B 132 -9.13 -6.71 -27.65
C GLY B 132 -8.83 -7.56 -28.87
N PRO B 133 -7.94 -7.08 -29.77
CA PRO B 133 -7.65 -7.83 -30.98
C PRO B 133 -6.85 -9.14 -30.76
N LEU B 134 -6.11 -9.22 -29.67
CA LEU B 134 -5.24 -10.36 -29.40
C LEU B 134 -5.71 -10.96 -28.08
N PRO B 135 -6.63 -11.92 -28.13
CA PRO B 135 -7.25 -12.37 -26.85
C PRO B 135 -6.37 -13.40 -26.12
N LEU B 136 -5.23 -12.91 -25.66
CA LEU B 136 -4.18 -13.76 -25.10
C LEU B 136 -4.65 -14.48 -23.86
N THR B 137 -5.26 -13.77 -22.92
CA THR B 137 -5.78 -14.43 -21.74
C THR B 137 -6.79 -15.54 -22.06
N GLY B 138 -7.75 -15.27 -22.93
CA GLY B 138 -8.75 -16.25 -23.30
C GLY B 138 -8.10 -17.49 -23.85
N ILE B 139 -7.14 -17.28 -24.74
CA ILE B 139 -6.42 -18.35 -25.40
C ILE B 139 -5.68 -19.25 -24.40
N LEU B 140 -4.95 -18.62 -23.49
CA LEU B 140 -4.24 -19.33 -22.41
C LEU B 140 -5.18 -20.07 -21.46
N LEU B 141 -6.30 -19.47 -21.11
CA LEU B 141 -7.27 -20.11 -20.26
C LEU B 141 -7.71 -21.45 -20.82
N SER B 142 -7.86 -21.53 -22.12
CA SER B 142 -8.22 -22.80 -22.73
C SER B 142 -7.00 -23.70 -22.98
N HIS B 143 -6.01 -23.18 -23.67
CA HIS B 143 -4.80 -23.91 -24.05
C HIS B 143 -4.05 -24.52 -22.85
N VAL B 144 -3.93 -23.74 -21.79
CA VAL B 144 -3.16 -24.12 -20.60
C VAL B 144 -4.08 -24.61 -19.47
N TYR B 145 -5.19 -23.92 -19.23
CA TYR B 145 -5.97 -24.27 -18.05
C TYR B 145 -7.17 -25.18 -18.33
N GLY B 146 -7.40 -25.47 -19.61
CA GLY B 146 -8.51 -26.31 -20.06
C GLY B 146 -9.87 -25.78 -19.68
N MET B 147 -9.97 -24.46 -19.50
CA MET B 147 -11.26 -23.81 -19.26
C MET B 147 -12.15 -23.60 -20.52
N ARG B 148 -13.43 -23.43 -20.28
CA ARG B 148 -14.39 -23.22 -21.36
C ARG B 148 -14.70 -21.73 -21.42
N VAL B 149 -14.19 -21.06 -22.45
CA VAL B 149 -14.03 -19.56 -22.46
C VAL B 149 -14.93 -18.84 -23.45
N ASN B 150 -15.57 -17.77 -22.97
CA ASN B 150 -16.16 -16.77 -23.85
C ASN B 150 -15.39 -15.48 -23.63
N VAL B 151 -14.88 -14.90 -24.70
CA VAL B 151 -14.25 -13.59 -24.63
C VAL B 151 -15.22 -12.55 -25.14
N VAL B 152 -15.44 -11.49 -24.37
CA VAL B 152 -16.38 -10.43 -24.80
C VAL B 152 -15.62 -9.21 -25.39
N GLU B 153 -16.00 -8.80 -26.59
CA GLU B 153 -15.39 -7.64 -27.21
C GLU B 153 -16.42 -6.72 -27.82
N ILE B 154 -16.41 -5.46 -27.42
CA ILE B 154 -17.40 -4.50 -27.83
C ILE B 154 -17.34 -4.07 -29.30
N GLU B 155 -16.17 -4.02 -29.89
CA GLU B 155 -16.03 -3.48 -31.24
C GLU B 155 -16.07 -4.60 -32.26
N PRO B 156 -17.04 -4.57 -33.19
CA PRO B 156 -17.23 -5.69 -34.09
C PRO B 156 -16.03 -6.05 -34.93
N ASP B 157 -15.33 -5.09 -35.49
CA ASP B 157 -14.13 -5.46 -36.28
C ASP B 157 -12.99 -6.04 -35.43
N ILE B 158 -12.86 -5.59 -34.19
CA ILE B 158 -11.82 -6.10 -33.28
C ILE B 158 -12.21 -7.52 -32.92
N ALA B 159 -13.48 -7.74 -32.63
CA ALA B 159 -13.98 -9.07 -32.33
C ALA B 159 -13.74 -10.02 -33.48
N GLU B 160 -13.89 -9.56 -34.74
CA GLU B 160 -13.69 -10.43 -35.90
C GLU B 160 -12.21 -10.82 -36.03
N LEU B 161 -11.33 -9.88 -35.76
CA LEU B 161 -9.89 -10.13 -35.81
C LEU B 161 -9.51 -11.17 -34.77
N SER B 162 -10.09 -11.03 -33.58
CA SER B 162 -9.84 -11.99 -32.53
C SER B 162 -10.26 -13.41 -32.88
N ARG B 163 -11.39 -13.55 -33.56
CA ARG B 163 -11.83 -14.86 -33.96
C ARG B 163 -10.83 -15.44 -34.96
N LYS B 164 -10.31 -14.61 -35.84
CA LYS B 164 -9.30 -15.08 -36.80
C LYS B 164 -7.99 -15.53 -36.11
N VAL B 165 -7.61 -14.85 -35.04
CA VAL B 165 -6.43 -15.21 -34.28
C VAL B 165 -6.56 -16.62 -33.69
N ILE B 166 -7.73 -16.83 -33.06
CA ILE B 166 -8.07 -18.05 -32.33
C ILE B 166 -8.10 -19.22 -33.32
N GLU B 167 -8.68 -18.99 -34.50
CA GLU B 167 -8.69 -20.01 -35.54
C GLU B 167 -7.30 -20.30 -36.10
N GLY B 168 -6.49 -19.24 -36.30
CA GLY B 168 -5.13 -19.37 -36.78
C GLY B 168 -4.27 -20.17 -35.80
N LEU B 169 -4.55 -20.06 -34.51
CA LEU B 169 -3.77 -20.81 -33.52
C LEU B 169 -4.29 -22.22 -33.33
N GLY B 170 -5.41 -22.55 -33.96
CA GLY B 170 -6.05 -23.86 -33.75
C GLY B 170 -6.48 -24.12 -32.32
N VAL B 171 -6.93 -23.08 -31.65
CA VAL B 171 -7.29 -23.22 -30.25
C VAL B 171 -8.76 -23.50 -30.12
N ASP B 172 -9.09 -24.60 -29.46
CA ASP B 172 -10.49 -24.97 -29.24
C ASP B 172 -11.00 -24.41 -27.92
N GLY B 173 -12.32 -24.39 -27.77
CA GLY B 173 -12.89 -24.00 -26.50
C GLY B 173 -12.78 -22.52 -26.17
N VAL B 174 -12.45 -21.67 -27.15
CA VAL B 174 -12.52 -20.18 -26.99
C VAL B 174 -13.50 -19.53 -27.99
N ASN B 175 -14.58 -18.99 -27.47
CA ASN B 175 -15.62 -18.33 -28.31
C ASN B 175 -15.60 -16.85 -28.07
N VAL B 176 -15.81 -16.06 -29.12
CA VAL B 176 -15.84 -14.60 -28.94
C VAL B 176 -17.23 -14.05 -29.16
N ILE B 177 -17.66 -13.26 -28.18
CA ILE B 177 -18.96 -12.61 -28.17
C ILE B 177 -18.76 -11.14 -28.47
N THR B 178 -19.56 -10.64 -29.41
CA THR B 178 -19.50 -9.24 -29.72
C THR B 178 -20.58 -8.54 -28.93
N GLY B 179 -20.17 -7.65 -28.04
CA GLY B 179 -21.10 -6.80 -27.38
C GLY B 179 -20.47 -6.22 -26.16
N ASP B 180 -21.30 -5.55 -25.37
CA ASP B 180 -20.79 -4.93 -24.15
C ASP B 180 -20.95 -5.89 -22.96
N GLU B 181 -20.56 -5.48 -21.76
CA GLU B 181 -20.53 -6.42 -20.64
C GLU B 181 -21.90 -6.93 -20.24
N THR B 182 -22.95 -6.38 -20.83
CA THR B 182 -24.29 -6.80 -20.55
C THR B 182 -24.64 -8.24 -21.09
N VAL B 183 -23.82 -8.73 -21.99
CA VAL B 183 -24.02 -10.04 -22.61
C VAL B 183 -23.88 -11.10 -21.51
N ILE B 184 -23.28 -10.72 -20.38
CA ILE B 184 -23.09 -11.74 -19.33
C ILE B 184 -24.39 -12.22 -18.67
N ASP B 185 -25.46 -11.45 -18.72
CA ASP B 185 -26.75 -11.93 -18.19
C ASP B 185 -27.17 -13.21 -18.86
N GLY B 186 -26.88 -13.33 -20.16
CA GLY B 186 -27.27 -14.46 -20.96
C GLY B 186 -26.29 -15.62 -21.00
N LEU B 187 -25.23 -15.55 -20.17
CA LEU B 187 -24.19 -16.56 -20.15
C LEU B 187 -24.09 -17.24 -18.80
N GLU B 188 -23.69 -18.51 -18.78
CA GLU B 188 -23.37 -19.23 -17.56
C GLU B 188 -21.86 -19.28 -17.44
N PHE B 189 -21.35 -19.07 -16.22
CA PHE B 189 -19.89 -19.07 -15.97
C PHE B 189 -19.59 -19.28 -14.51
N ASP B 190 -18.51 -19.99 -14.28
CA ASP B 190 -17.91 -20.20 -12.95
C ASP B 190 -17.02 -19.02 -12.54
N VAL B 191 -16.32 -18.46 -13.50
CA VAL B 191 -15.45 -17.37 -13.17
C VAL B 191 -15.57 -16.24 -14.23
N LEU B 192 -15.43 -15.00 -13.75
CA LEU B 192 -15.49 -13.83 -14.64
C LEU B 192 -14.20 -12.98 -14.43
N MET B 193 -13.48 -12.67 -15.51
CA MET B 193 -12.29 -11.81 -15.47
C MET B 193 -12.52 -10.51 -16.21
N VAL B 194 -11.99 -9.43 -15.65
CA VAL B 194 -12.14 -8.09 -16.23
C VAL B 194 -10.76 -7.61 -16.64
N ALA B 195 -10.60 -7.31 -17.91
CA ALA B 195 -9.33 -6.87 -18.48
C ALA B 195 -8.83 -5.59 -17.80
N ALA B 196 -7.53 -5.38 -17.79
CA ALA B 196 -6.91 -4.21 -17.14
C ALA B 196 -7.45 -2.92 -17.70
N LEU B 197 -7.62 -2.87 -19.02
CA LEU B 197 -8.06 -1.63 -19.69
C LEU B 197 -9.54 -1.64 -20.19
N ALA B 198 -10.36 -2.52 -19.64
CA ALA B 198 -11.78 -2.54 -19.98
C ALA B 198 -12.48 -1.38 -19.25
N GLU B 199 -13.22 -0.57 -20.02
CA GLU B 199 -13.84 0.66 -19.50
C GLU B 199 -15.26 0.82 -19.94
N PRO B 200 -15.99 1.73 -19.31
CA PRO B 200 -15.65 2.44 -18.09
C PRO B 200 -15.81 1.54 -16.88
N LYS B 201 -14.88 1.59 -15.92
CA LYS B 201 -14.96 0.72 -14.74
C LYS B 201 -16.26 0.82 -13.92
N ARG B 202 -16.79 2.00 -13.73
CA ARG B 202 -17.91 2.16 -12.82
C ARG B 202 -19.11 1.39 -13.38
N ARG B 203 -19.37 1.62 -14.67
CA ARG B 203 -20.45 0.94 -15.40
C ARG B 203 -20.22 -0.57 -15.48
N VAL B 204 -19.01 -0.98 -15.76
CA VAL B 204 -18.73 -2.39 -15.87
C VAL B 204 -18.99 -3.13 -14.53
N PHE B 205 -18.62 -2.50 -13.43
CA PHE B 205 -18.84 -3.20 -12.17
C PHE B 205 -20.31 -3.19 -11.74
N ARG B 206 -21.05 -2.16 -12.11
CA ARG B 206 -22.49 -2.11 -11.87
C ARG B 206 -23.24 -3.19 -12.67
N ASN B 207 -22.87 -3.37 -13.93
CA ASN B 207 -23.36 -4.52 -14.71
C ASN B 207 -22.96 -5.94 -14.16
N ILE B 208 -21.70 -6.15 -13.82
CA ILE B 208 -21.32 -7.37 -13.11
C ILE B 208 -22.24 -7.58 -11.90
N HIS B 209 -22.39 -6.54 -11.06
CA HIS B 209 -23.15 -6.67 -9.80
C HIS B 209 -24.59 -7.15 -10.03
N ARG B 210 -25.31 -6.55 -10.98
CA ARG B 210 -26.66 -6.98 -11.34
C ARG B 210 -26.79 -8.43 -11.88
N TYR B 211 -25.74 -8.94 -12.54
CA TYR B 211 -25.82 -10.17 -13.29
C TYR B 211 -25.04 -11.35 -12.74
N VAL B 212 -24.49 -11.22 -11.53
CA VAL B 212 -23.81 -12.37 -10.91
C VAL B 212 -24.46 -12.74 -9.59
N ASP B 213 -24.21 -13.94 -9.10
CA ASP B 213 -24.61 -14.28 -7.73
C ASP B 213 -23.40 -14.17 -6.77
N THR B 214 -23.61 -14.52 -5.48
CA THR B 214 -22.57 -14.34 -4.43
C THR B 214 -21.53 -15.44 -4.43
N GLU B 215 -21.73 -16.49 -5.23
CA GLU B 215 -20.78 -17.58 -5.22
C GLU B 215 -19.87 -17.56 -6.43
N THR B 216 -20.11 -16.65 -7.37
CA THR B 216 -19.28 -16.55 -8.57
C THR B 216 -17.98 -15.77 -8.39
N ARG B 217 -16.88 -16.38 -8.82
CA ARG B 217 -15.55 -15.75 -8.67
C ARG B 217 -15.30 -14.64 -9.67
N ILE B 218 -14.91 -13.46 -9.19
CA ILE B 218 -14.67 -12.35 -10.09
C ILE B 218 -13.24 -11.86 -9.88
N ILE B 219 -12.49 -11.84 -10.96
CA ILE B 219 -11.11 -11.40 -10.86
C ILE B 219 -10.91 -10.25 -11.78
N TYR B 220 -10.46 -9.11 -11.23
CA TYR B 220 -10.10 -7.95 -12.04
C TYR B 220 -8.63 -7.56 -11.99
N ARG B 221 -8.20 -6.84 -13.00
CA ARG B 221 -6.79 -6.47 -13.12
C ARG B 221 -6.70 -4.97 -12.91
N THR B 222 -5.80 -4.59 -12.04
CA THR B 222 -5.67 -3.18 -11.65
C THR B 222 -4.18 -2.81 -11.53
N TYR B 223 -3.88 -1.60 -11.06
CA TYR B 223 -2.52 -1.13 -10.91
C TYR B 223 -2.38 -0.56 -9.49
N THR B 224 -1.23 -0.75 -8.88
CA THR B 224 -0.99 -0.27 -7.53
C THR B 224 0.47 0.20 -7.41
N GLY B 225 0.77 1.05 -6.42
CA GLY B 225 2.12 1.49 -6.17
C GLY B 225 2.62 2.32 -7.32
N MET B 226 3.88 2.23 -7.67
CA MET B 226 4.40 3.02 -8.77
C MET B 226 3.83 2.58 -10.17
N ARG B 227 3.36 1.35 -10.26
CA ARG B 227 2.80 0.82 -11.49
C ARG B 227 1.53 1.58 -11.93
N ALA B 228 0.98 2.42 -11.05
CA ALA B 228 -0.15 3.26 -11.35
C ALA B 228 0.25 4.43 -12.30
N ILE B 229 1.52 4.55 -12.62
CA ILE B 229 1.97 5.52 -13.61
C ILE B 229 1.43 5.10 -14.96
N LEU B 230 1.22 3.80 -15.12
CA LEU B 230 0.80 3.20 -16.39
C LEU B 230 -0.66 3.43 -16.74
N TYR B 231 -1.54 3.34 -15.73
CA TYR B 231 -2.98 3.44 -15.88
C TYR B 231 -3.64 3.76 -14.56
N ALA B 232 -4.79 4.37 -14.62
CA ALA B 232 -5.59 4.68 -13.41
C ALA B 232 -6.03 3.36 -12.78
N PRO B 233 -5.85 3.18 -11.46
CA PRO B 233 -6.33 1.92 -10.86
C PRO B 233 -7.85 1.85 -10.71
N VAL B 234 -8.40 0.67 -10.44
CA VAL B 234 -9.82 0.57 -10.12
C VAL B 234 -10.02 1.19 -8.76
N SER B 235 -10.97 2.10 -8.64
CA SER B 235 -11.25 2.76 -7.37
C SER B 235 -12.17 1.92 -6.47
N ASP B 236 -12.05 2.14 -5.17
CA ASP B 236 -12.88 1.42 -4.25
C ASP B 236 -14.33 1.76 -4.52
N ASP B 237 -14.60 2.99 -4.93
CA ASP B 237 -15.97 3.31 -5.33
C ASP B 237 -16.41 2.50 -6.54
N ASP B 238 -15.53 2.22 -7.50
CA ASP B 238 -15.89 1.31 -8.61
C ASP B 238 -16.49 -0.02 -8.08
N ILE B 239 -15.94 -0.55 -6.98
CA ILE B 239 -16.31 -1.92 -6.51
C ILE B 239 -17.33 -1.92 -5.37
N THR B 240 -18.13 -0.88 -5.30
CA THR B 240 -19.19 -0.87 -4.30
C THR B 240 -20.12 -2.09 -4.50
N GLY B 241 -20.38 -2.80 -3.43
CA GLY B 241 -21.24 -3.98 -3.45
C GLY B 241 -20.51 -5.28 -3.64
N PHE B 242 -19.19 -5.22 -3.74
CA PHE B 242 -18.36 -6.40 -3.79
C PHE B 242 -17.49 -6.36 -2.57
N ARG B 243 -16.98 -7.54 -2.17
CA ARG B 243 -15.94 -7.64 -1.14
C ARG B 243 -14.66 -8.27 -1.69
N ARG B 244 -13.53 -7.65 -1.41
CA ARG B 244 -12.19 -8.20 -1.80
C ARG B 244 -11.91 -9.43 -0.96
N ALA B 245 -11.51 -10.51 -1.62
CA ALA B 245 -11.28 -11.78 -0.99
C ALA B 245 -9.87 -12.29 -1.28
N GLY B 246 -9.03 -11.44 -1.84
CA GLY B 246 -7.65 -11.81 -2.14
C GLY B 246 -7.03 -10.95 -3.21
N VAL B 247 -5.71 -10.87 -3.19
CA VAL B 247 -4.93 -10.01 -4.08
C VAL B 247 -3.64 -10.70 -4.45
N VAL B 248 -3.19 -10.48 -5.67
CA VAL B 248 -1.83 -10.88 -6.00
C VAL B 248 -1.12 -9.62 -6.45
N LEU B 249 -0.17 -9.16 -5.64
CA LEU B 249 0.69 -8.03 -5.97
C LEU B 249 1.80 -8.41 -6.94
N PRO B 250 2.04 -7.61 -8.00
CA PRO B 250 3.04 -8.02 -9.01
C PRO B 250 4.52 -7.94 -8.59
N SER B 251 5.36 -8.69 -9.28
CA SER B 251 6.80 -8.46 -9.16
C SER B 251 7.47 -8.68 -10.52
N GLY B 252 8.76 -8.51 -10.56
CA GLY B 252 9.49 -8.56 -11.83
C GLY B 252 9.02 -7.47 -12.76
N LYS B 253 8.58 -7.87 -13.94
CA LYS B 253 8.12 -6.92 -14.94
C LYS B 253 6.62 -6.95 -15.12
N VAL B 254 5.92 -7.80 -14.37
CA VAL B 254 4.49 -7.81 -14.48
C VAL B 254 4.00 -6.43 -14.01
N ASN B 255 3.03 -5.84 -14.73
CA ASN B 255 2.46 -4.55 -14.35
C ASN B 255 1.17 -4.61 -13.53
N ASN B 256 0.36 -5.64 -13.74
CA ASN B 256 -0.97 -5.70 -13.15
C ASN B 256 -1.00 -6.33 -11.77
N THR B 257 -1.81 -5.75 -10.92
CA THR B 257 -2.25 -6.39 -9.70
C THR B 257 -3.56 -7.13 -10.06
N SER B 258 -3.75 -8.32 -9.47
CA SER B 258 -4.96 -9.11 -9.66
C SER B 258 -5.75 -9.19 -8.37
N VAL B 259 -7.04 -8.88 -8.44
CA VAL B 259 -7.91 -8.84 -7.26
C VAL B 259 -9.06 -9.84 -7.43
N LEU B 260 -9.29 -10.65 -6.40
CA LEU B 260 -10.47 -11.53 -6.34
C LEU B 260 -11.58 -10.92 -5.51
N VAL B 261 -12.75 -10.74 -6.11
CA VAL B 261 -13.88 -10.21 -5.39
C VAL B 261 -15.11 -11.14 -5.50
N PHE B 262 -16.02 -11.00 -4.55
CA PHE B 262 -17.32 -11.63 -4.60
C PHE B 262 -18.40 -10.60 -4.34
N LYS B 263 -19.54 -10.75 -5.00
CA LYS B 263 -20.66 -9.86 -4.76
C LYS B 263 -21.17 -10.07 -3.32
N CYS B 264 -21.53 -8.98 -2.68
CA CYS B 264 -22.13 -9.00 -1.37
C CYS B 264 -23.62 -9.37 -1.49
N PRO B 265 -24.21 -9.94 -0.44
CA PRO B 265 -23.63 -10.14 0.87
C PRO B 265 -23.78 -11.57 1.34
BR BR C . -3.66 -3.69 -2.32
C1 B3P D . -27.79 -18.88 -12.62
C2 B3P D . -28.65 -19.23 -11.39
C3 B3P D . -26.31 -18.61 -12.29
N1 B3P D . -25.71 -17.62 -13.22
C4 B3P D . -24.34 -17.09 -13.06
C5 B3P D . -23.85 -16.35 -14.34
C6 B3P D . -24.33 -16.19 -11.82
C7 B3P D . -23.43 -18.27 -12.86
N2 B3P D . -30.09 -19.03 -11.61
C8 B3P D . -31.07 -18.45 -10.64
C9 B3P D . -30.74 -18.84 -9.19
C10 B3P D . -31.14 -16.92 -10.72
C11 B3P D . -32.45 -19.01 -10.97
O1 B3P D . -30.90 -20.27 -9.02
O2 B3P D . -31.25 -16.52 -12.10
O3 B3P D . -32.40 -20.46 -10.90
O4 B3P D . -24.56 -15.09 -14.55
O5 B3P D . -23.07 -15.54 -11.70
O6 B3P D . -23.44 -18.95 -14.11
#